data_2GG5
#
_entry.id   2GG5
#
_cell.length_a   38.776
_cell.length_b   61.457
_cell.length_c   53.902
_cell.angle_alpha   90.00
_cell.angle_beta   107.67
_cell.angle_gamma   90.00
#
_symmetry.space_group_name_H-M   'P 1 21 1'
#
loop_
_entity.id
_entity.type
_entity.pdbx_description
1 polymer 'Methionine aminopeptidase'
2 non-polymer 'COBALT (II) ION'
3 non-polymer 'SODIUM ION'
4 non-polymer 5-IMINO-4-(2-TRIFLUOROMETHYL-PHENYLAZO)-5H-PYRAZOL-3-YLAMINE
5 water water
#
_entity_poly.entity_id   1
_entity_poly.type   'polypeptide(L)'
_entity_poly.pdbx_seq_one_letter_code
;AISIKTPEDIEKMRVAGRLAAEVLEMIEPYVKPGVSTGELDRICNDYIVNEQHAVSACLGYHGYPKSVCISINEVVCHGI
PDDAKLLKDGDIVNIDVTVIKDGFHGDTSKMFIVGKPTIMGERLCRITQESLYLALRMVKPGINLREIGAAIQKFVEAEG
FSVVREYCGHGIGRGFHEEPQVLHYDSRETNVVLKPGMTFTIEPMVNAGKKEIRTMKDGWTVKTKDRSLSAQYEHTIVVT
DNGCEILTLRKDDTIPAIISHDE
;
_entity_poly.pdbx_strand_id   A
#
# COMPACT_ATOMS: atom_id res chain seq x y z
N ALA A 1 21.53 -5.64 3.53
CA ALA A 1 21.92 -4.70 4.64
C ALA A 1 20.62 -4.17 5.21
N ILE A 2 19.78 -5.11 5.63
CA ILE A 2 18.58 -4.83 6.41
C ILE A 2 18.91 -4.28 7.81
N SER A 3 18.60 -3.00 8.07
CA SER A 3 18.60 -2.52 9.45
C SER A 3 17.59 -3.31 10.30
N ILE A 4 17.91 -3.51 11.58
CA ILE A 4 17.01 -4.09 12.58
C ILE A 4 16.67 -2.90 13.47
N LYS A 5 15.41 -2.47 13.45
CA LYS A 5 14.99 -1.27 14.17
C LYS A 5 15.19 -1.42 15.68
N THR A 6 15.49 -0.34 16.39
CA THR A 6 15.54 -0.45 17.84
C THR A 6 14.12 -0.36 18.31
N PRO A 7 13.92 -0.48 19.63
CA PRO A 7 12.67 -0.27 20.36
C PRO A 7 12.14 1.13 20.16
N GLU A 8 13.04 2.10 20.31
CA GLU A 8 12.72 3.52 20.22
C GLU A 8 12.36 3.79 18.75
N ASP A 9 13.11 3.16 17.85
CA ASP A 9 12.91 3.30 16.41
C ASP A 9 11.52 2.80 16.01
N ILE A 10 11.20 1.56 16.42
CA ILE A 10 9.86 0.91 16.27
C ILE A 10 8.75 1.77 16.81
N GLU A 11 8.99 2.47 17.92
CA GLU A 11 8.00 3.39 18.45
C GLU A 11 7.75 4.57 17.51
N LYS A 12 8.81 5.06 16.87
CA LYS A 12 8.65 6.05 15.80
C LYS A 12 7.92 5.53 14.58
N MET A 13 8.20 4.30 14.14
CA MET A 13 7.35 3.70 13.08
C MET A 13 5.85 3.67 13.33
N ARG A 14 5.50 3.40 14.58
CA ARG A 14 4.12 3.32 15.07
C ARG A 14 3.35 4.63 14.95
N VAL A 15 3.96 5.64 15.52
CA VAL A 15 3.60 7.03 15.23
C VAL A 15 3.45 7.33 13.75
N ALA A 16 4.50 7.06 12.96
CA ALA A 16 4.44 7.38 11.54
C ALA A 16 3.39 6.57 10.80
N GLY A 17 3.21 5.32 11.22
CA GLY A 17 2.19 4.48 10.58
C GLY A 17 0.81 4.95 10.91
N ARG A 18 0.63 5.38 12.16
CA ARG A 18 -0.70 5.85 12.59
C ARG A 18 -1.05 7.10 11.86
N LEU A 19 -0.08 8.03 11.88
CA LEU A 19 -0.17 9.21 11.03
C LEU A 19 -0.62 8.81 9.68
N ALA A 20 0.18 7.98 8.98
CA ALA A 20 -0.25 7.62 7.61
C ALA A 20 -1.62 6.96 7.56
N ALA A 21 -1.89 5.99 8.44
CA ALA A 21 -3.26 5.40 8.45
C ALA A 21 -4.32 6.45 8.76
N GLU A 22 -4.00 7.43 9.61
CA GLU A 22 -4.99 8.48 9.92
C GLU A 22 -5.34 9.38 8.73
N VAL A 23 -4.35 9.65 7.89
CA VAL A 23 -4.69 10.41 6.68
C VAL A 23 -5.83 9.72 5.94
N LEU A 24 -5.73 8.40 5.79
CA LEU A 24 -6.74 7.63 5.05
C LEU A 24 -8.06 7.51 5.80
N GLU A 25 -8.03 7.51 7.13
CA GLU A 25 -9.29 7.61 7.90
C GLU A 25 -9.91 8.97 7.60
N MET A 26 -9.14 10.04 7.80
CA MET A 26 -9.61 11.44 7.54
C MET A 26 -10.30 11.60 6.19
N ILE A 27 -9.75 11.02 5.12
CA ILE A 27 -10.19 11.31 3.76
C ILE A 27 -11.48 10.65 3.29
N GLU A 28 -11.83 9.48 3.84
CA GLU A 28 -12.96 8.69 3.36
C GLU A 28 -14.28 9.49 3.16
N PRO A 29 -14.63 10.34 4.14
CA PRO A 29 -15.84 11.18 4.07
C PRO A 29 -15.89 12.01 2.79
N TYR A 30 -14.74 12.58 2.44
CA TYR A 30 -14.59 13.31 1.19
C TYR A 30 -14.43 12.47 -0.07
N VAL A 31 -14.55 11.15 0.00
CA VAL A 31 -14.42 10.34 -1.22
C VAL A 31 -15.77 10.05 -1.89
N LYS A 32 -16.39 11.08 -2.46
CA LYS A 32 -17.75 10.96 -2.97
C LYS A 32 -17.74 11.12 -4.48
N PRO A 33 -18.82 10.72 -5.16
CA PRO A 33 -18.88 11.07 -6.58
C PRO A 33 -18.82 12.58 -6.76
N GLY A 34 -18.35 13.02 -7.93
CA GLY A 34 -18.21 14.45 -8.23
C GLY A 34 -16.97 15.16 -7.70
N VAL A 35 -16.34 14.65 -6.65
CA VAL A 35 -15.08 15.21 -6.16
C VAL A 35 -13.85 14.97 -7.10
N SER A 36 -12.83 15.81 -7.00
CA SER A 36 -11.70 15.77 -7.95
C SER A 36 -10.51 15.20 -7.20
N THR A 37 -9.71 14.35 -7.87
CA THR A 37 -8.53 13.79 -7.19
C THR A 37 -7.60 14.91 -6.76
N GLY A 38 -7.59 15.95 -7.58
CA GLY A 38 -6.88 17.20 -7.28
C GLY A 38 -7.27 17.78 -5.95
N GLU A 39 -8.59 17.90 -5.72
CA GLU A 39 -9.14 18.21 -4.39
C GLU A 39 -8.71 17.36 -3.17
N LEU A 40 -8.80 16.04 -3.27
CA LEU A 40 -8.29 15.14 -2.23
C LEU A 40 -6.83 15.35 -1.84
N ASP A 41 -5.93 15.46 -2.83
CA ASP A 41 -4.50 15.69 -2.56
C ASP A 41 -4.37 16.97 -1.74
N ARG A 42 -5.07 18.00 -2.22
CA ARG A 42 -5.18 19.27 -1.47
C ARG A 42 -5.53 19.00 0.01
N ILE A 43 -6.67 18.34 0.21
CA ILE A 43 -7.12 17.90 1.55
C ILE A 43 -6.13 17.11 2.40
N CYS A 44 -5.48 16.07 1.85
CA CYS A 44 -4.51 15.25 2.63
C CYS A 44 -3.24 15.99 2.96
N ASN A 45 -2.78 16.78 2.00
CA ASN A 45 -1.53 17.52 2.21
C ASN A 45 -1.70 18.56 3.29
N ASP A 46 -2.84 19.26 3.29
CA ASP A 46 -3.12 20.30 4.31
C ASP A 46 -3.08 19.67 5.71
N TYR A 47 -3.75 18.54 5.82
CA TYR A 47 -3.78 17.75 7.03
C TYR A 47 -2.40 17.22 7.43
N ILE A 48 -1.74 16.49 6.52
CA ILE A 48 -0.38 16.01 6.82
C ILE A 48 0.47 17.10 7.50
N VAL A 49 0.31 18.34 7.04
CA VAL A 49 1.29 19.39 7.28
C VAL A 49 0.85 20.24 8.48
N ASN A 50 -0.37 20.72 8.40
CA ASN A 50 -0.90 21.67 9.39
C ASN A 50 -1.29 20.96 10.69
N GLU A 51 -2.13 19.93 10.56
CA GLU A 51 -2.60 19.14 11.70
C GLU A 51 -1.58 18.14 12.22
N GLN A 52 -1.16 17.22 11.35
CA GLN A 52 -0.25 16.17 11.76
C GLN A 52 1.18 16.62 11.97
N HIS A 53 1.52 17.74 11.33
CA HIS A 53 2.86 18.29 11.43
C HIS A 53 3.86 17.23 10.94
N ALA A 54 3.53 16.67 9.77
CA ALA A 54 4.42 15.79 9.00
C ALA A 54 4.61 16.29 7.56
N VAL A 55 5.55 15.68 6.82
CA VAL A 55 5.76 15.89 5.36
C VAL A 55 5.33 14.69 4.53
N SER A 56 4.77 14.92 3.35
CA SER A 56 4.66 13.85 2.37
C SER A 56 6.05 13.44 1.96
N ALA A 57 6.24 12.13 1.86
CA ALA A 57 7.42 11.52 1.25
C ALA A 57 7.21 11.32 -0.25
N CYS A 58 5.96 11.37 -0.69
CA CYS A 58 5.61 11.56 -2.09
C CYS A 58 6.23 12.75 -2.84
N LEU A 59 6.16 13.93 -2.21
CA LEU A 59 6.36 15.18 -2.96
C LEU A 59 7.81 15.39 -3.33
N GLY A 60 8.07 15.54 -4.63
CA GLY A 60 9.43 15.63 -5.21
C GLY A 60 10.41 14.47 -5.20
N TYR A 61 10.00 13.34 -4.60
CA TYR A 61 10.59 12.03 -4.78
C TYR A 61 10.54 11.63 -6.27
N HIS A 62 11.73 11.50 -6.89
CA HIS A 62 11.90 11.45 -8.34
C HIS A 62 11.10 12.43 -9.19
N GLY A 63 10.67 13.53 -8.59
CA GLY A 63 9.89 14.54 -9.32
C GLY A 63 8.38 14.48 -9.19
N TYR A 64 7.92 13.51 -8.40
CA TYR A 64 6.56 13.48 -7.94
C TYR A 64 6.07 14.81 -7.45
N PRO A 65 5.08 15.34 -8.18
CA PRO A 65 4.51 16.66 -8.05
C PRO A 65 3.41 16.88 -7.00
N LYS A 66 2.93 15.84 -6.32
CA LYS A 66 1.69 15.98 -5.57
C LYS A 66 1.95 15.26 -4.28
N SER A 67 1.01 15.25 -3.33
CA SER A 67 1.37 14.81 -2.00
C SER A 67 1.00 13.34 -1.72
N VAL A 68 0.05 12.78 -2.47
CA VAL A 68 -0.33 11.39 -2.26
C VAL A 68 -0.53 10.96 -3.71
N CYS A 69 -0.39 9.66 -4.01
CA CYS A 69 -0.77 9.13 -5.31
C CYS A 69 -2.18 8.66 -5.18
N ILE A 70 -2.92 8.72 -6.28
CA ILE A 70 -4.33 8.44 -6.22
C ILE A 70 -4.53 7.88 -7.59
N SER A 71 -4.80 6.57 -7.66
CA SER A 71 -4.99 5.87 -8.91
C SER A 71 -6.46 5.44 -9.08
N ILE A 72 -7.00 5.55 -10.29
CA ILE A 72 -8.41 5.16 -10.51
C ILE A 72 -8.57 4.08 -11.56
N ASN A 73 -9.48 3.15 -11.27
CA ASN A 73 -9.88 2.07 -12.16
C ASN A 73 -8.74 1.24 -12.75
N GLU A 74 -8.50 1.35 -14.05
CA GLU A 74 -7.35 0.70 -14.70
C GLU A 74 -5.99 1.38 -14.49
N VAL A 75 -5.98 2.48 -13.73
CA VAL A 75 -4.70 2.99 -13.25
C VAL A 75 -4.21 2.16 -12.11
N VAL A 76 -2.97 1.70 -12.26
CA VAL A 76 -2.36 0.68 -11.42
C VAL A 76 -1.62 1.28 -10.21
N CYS A 77 -0.86 2.35 -10.47
CA CYS A 77 -0.15 3.15 -9.48
C CYS A 77 0.31 4.49 -10.04
N HIS A 78 0.82 5.33 -9.12
CA HIS A 78 1.30 6.70 -9.32
C HIS A 78 0.40 7.64 -10.12
N GLY A 79 -0.91 7.46 -10.05
CA GLY A 79 -1.83 8.40 -10.68
C GLY A 79 -1.70 9.80 -10.09
N ILE A 80 -1.93 10.81 -10.93
CA ILE A 80 -1.63 12.18 -10.49
C ILE A 80 -2.90 12.88 -10.02
N PRO A 81 -2.91 13.32 -8.76
CA PRO A 81 -4.00 14.18 -8.28
C PRO A 81 -4.28 15.32 -9.27
N ASP A 82 -5.40 15.24 -9.98
CA ASP A 82 -5.66 16.23 -11.00
C ASP A 82 -7.00 16.98 -10.84
N ASP A 83 -6.94 18.24 -10.37
CA ASP A 83 -8.11 19.14 -10.22
C ASP A 83 -9.24 19.03 -11.24
N ALA A 84 -9.04 18.32 -12.34
CA ALA A 84 -10.08 18.13 -13.36
C ALA A 84 -10.58 16.68 -13.41
N LYS A 85 -9.89 15.80 -12.69
CA LYS A 85 -10.36 14.43 -12.53
C LYS A 85 -11.43 14.43 -11.46
N LEU A 86 -12.59 13.89 -11.82
CA LEU A 86 -13.65 13.69 -10.81
C LEU A 86 -14.05 12.23 -10.65
N LEU A 87 -14.42 11.87 -9.42
CA LEU A 87 -14.92 10.50 -9.17
C LEU A 87 -16.37 10.21 -9.59
N LYS A 88 -16.56 9.18 -10.41
CA LYS A 88 -17.90 8.74 -10.74
C LYS A 88 -18.40 7.52 -9.92
N ASP A 89 -19.71 7.36 -9.87
CA ASP A 89 -20.26 6.05 -9.55
C ASP A 89 -19.31 4.97 -10.09
N GLY A 90 -19.20 3.87 -9.37
CA GLY A 90 -18.62 2.65 -9.90
C GLY A 90 -17.11 2.58 -9.87
N ASP A 91 -16.47 3.64 -9.39
CA ASP A 91 -15.02 3.80 -9.49
C ASP A 91 -14.37 3.04 -8.35
N ILE A 92 -13.33 2.28 -8.67
CA ILE A 92 -12.41 1.80 -7.64
C ILE A 92 -11.23 2.78 -7.49
N VAL A 93 -10.86 3.18 -6.28
CA VAL A 93 -9.88 4.25 -6.12
C VAL A 93 -8.79 4.01 -5.09
N ASN A 94 -7.55 3.81 -5.51
CA ASN A 94 -6.42 3.74 -4.56
C ASN A 94 -5.84 5.10 -4.21
N ILE A 95 -5.61 5.36 -2.93
CA ILE A 95 -4.89 6.54 -2.48
C ILE A 95 -3.75 6.10 -1.59
N ASP A 96 -2.50 6.49 -1.92
CA ASP A 96 -1.34 5.91 -1.23
C ASP A 96 -0.65 7.02 -0.47
N VAL A 97 -0.58 6.86 0.84
CA VAL A 97 -0.09 7.94 1.63
C VAL A 97 1.21 7.48 2.18
N THR A 98 2.25 8.30 2.15
CA THR A 98 3.50 7.93 2.81
C THR A 98 3.95 9.19 3.50
N VAL A 99 4.44 9.08 4.73
CA VAL A 99 4.55 10.29 5.55
C VAL A 99 5.86 10.04 6.23
N ILE A 100 6.61 11.11 6.49
CA ILE A 100 7.77 11.12 7.39
C ILE A 100 7.39 12.01 8.58
N LYS A 101 7.80 11.54 9.76
CA LYS A 101 7.50 12.18 11.03
C LYS A 101 8.66 11.73 11.85
N ASP A 102 9.32 12.68 12.49
CA ASP A 102 10.43 12.39 13.37
C ASP A 102 11.46 11.49 12.74
N GLY A 103 11.52 11.51 11.42
CA GLY A 103 12.60 10.90 10.69
C GLY A 103 12.32 9.48 10.28
N PHE A 104 11.09 8.99 10.45
CA PHE A 104 10.76 7.60 10.10
C PHE A 104 9.56 7.65 9.18
N HIS A 105 9.53 6.78 8.18
CA HIS A 105 8.36 6.70 7.31
C HIS A 105 7.22 5.81 7.79
N GLY A 106 5.97 6.24 7.53
CA GLY A 106 4.85 5.31 7.46
C GLY A 106 4.20 5.30 6.09
N ASP A 107 3.77 4.14 5.61
CA ASP A 107 3.49 4.00 4.19
C ASP A 107 2.33 3.06 4.13
N THR A 108 1.23 3.55 3.58
CA THR A 108 0.08 2.71 3.49
C THR A 108 -0.85 3.21 2.39
N SER A 109 -1.75 2.32 1.96
CA SER A 109 -2.77 2.64 1.01
C SER A 109 -3.97 1.66 0.99
N LYS A 110 -5.07 2.11 0.38
CA LYS A 110 -6.28 1.36 0.42
C LYS A 110 -7.12 1.67 -0.81
N MET A 111 -8.05 0.78 -1.10
CA MET A 111 -9.08 1.04 -2.08
C MET A 111 -10.29 1.61 -1.37
N PHE A 112 -10.77 2.75 -1.88
CA PHE A 112 -12.15 3.21 -1.68
C PHE A 112 -12.99 2.87 -2.92
N ILE A 113 -14.20 2.34 -2.71
CA ILE A 113 -15.18 2.28 -3.80
C ILE A 113 -16.17 3.43 -3.67
N VAL A 114 -16.59 3.96 -4.82
CA VAL A 114 -17.24 5.26 -4.90
C VAL A 114 -18.67 5.04 -5.40
N GLY A 115 -19.61 5.75 -4.77
CA GLY A 115 -21.05 5.53 -4.92
C GLY A 115 -21.52 4.08 -4.88
N LYS A 116 -22.16 3.67 -5.96
CA LYS A 116 -22.70 2.31 -6.03
C LYS A 116 -21.64 1.35 -6.58
N PRO A 117 -21.19 0.39 -5.77
CA PRO A 117 -20.17 -0.55 -6.25
C PRO A 117 -20.56 -1.23 -7.54
N THR A 118 -19.60 -1.77 -8.27
CA THR A 118 -19.95 -2.78 -9.27
C THR A 118 -19.46 -4.07 -8.66
N ILE A 119 -20.13 -5.15 -9.04
CA ILE A 119 -19.73 -6.51 -8.71
C ILE A 119 -18.24 -6.79 -8.95
N MET A 120 -17.67 -6.25 -10.03
CA MET A 120 -16.31 -6.69 -10.40
C MET A 120 -15.21 -5.99 -9.59
N GLY A 121 -15.34 -4.69 -9.40
CA GLY A 121 -14.39 -3.99 -8.56
C GLY A 121 -14.70 -4.21 -7.10
N GLU A 122 -15.96 -4.47 -6.77
CA GLU A 122 -16.22 -4.91 -5.41
C GLU A 122 -15.36 -6.16 -5.14
N ARG A 123 -15.29 -7.03 -6.13
CA ARG A 123 -14.61 -8.32 -5.97
C ARG A 123 -13.11 -8.21 -6.04
N LEU A 124 -12.61 -7.49 -7.04
CA LEU A 124 -11.16 -7.43 -7.24
C LEU A 124 -10.57 -6.77 -6.02
N CYS A 125 -11.24 -5.72 -5.52
CA CYS A 125 -10.82 -5.06 -4.30
C CYS A 125 -10.75 -6.01 -3.09
N ARG A 126 -11.78 -6.83 -2.91
CA ARG A 126 -11.80 -7.88 -1.85
C ARG A 126 -10.63 -8.88 -1.87
N ILE A 127 -10.44 -9.54 -3.01
CA ILE A 127 -9.30 -10.46 -3.18
C ILE A 127 -8.00 -9.72 -2.86
N THR A 128 -7.83 -8.54 -3.45
CA THR A 128 -6.60 -7.78 -3.29
C THR A 128 -6.23 -7.63 -1.83
N GLN A 129 -7.18 -7.12 -1.04
CA GLN A 129 -7.04 -7.07 0.40
C GLN A 129 -6.87 -8.38 1.17
N GLU A 130 -7.64 -9.40 0.76
CA GLU A 130 -7.40 -10.72 1.33
C GLU A 130 -6.01 -11.27 0.96
N SER A 131 -5.51 -10.91 -0.22
CA SER A 131 -4.16 -11.41 -0.58
C SER A 131 -3.04 -10.74 0.31
N LEU A 132 -3.30 -9.52 0.79
CA LEU A 132 -2.45 -8.81 1.74
C LEU A 132 -2.55 -9.45 3.14
N TYR A 133 -3.78 -9.63 3.63
CA TYR A 133 -4.04 -10.25 4.91
C TYR A 133 -3.43 -11.67 5.01
N LEU A 134 -3.77 -12.53 4.07
CA LEU A 134 -3.10 -13.83 3.93
C LEU A 134 -1.61 -13.77 4.25
N ALA A 135 -0.95 -12.87 3.55
CA ALA A 135 0.48 -12.69 3.65
C ALA A 135 0.87 -12.13 5.00
N LEU A 136 0.08 -11.16 5.51
CA LEU A 136 0.28 -10.59 6.85
C LEU A 136 0.33 -11.65 7.95
N ARG A 137 -0.59 -12.59 7.81
CA ARG A 137 -0.65 -13.77 8.66
C ARG A 137 0.56 -14.71 8.67
N MET A 138 1.40 -14.77 7.60
CA MET A 138 2.68 -15.54 7.49
C MET A 138 3.93 -14.99 8.15
N VAL A 139 3.87 -13.72 8.50
CA VAL A 139 5.08 -13.02 8.87
C VAL A 139 5.44 -13.50 10.27
N LYS A 140 6.65 -14.03 10.38
CA LYS A 140 7.18 -14.24 11.70
C LYS A 140 8.61 -14.62 11.50
N PRO A 141 9.38 -14.53 12.58
CA PRO A 141 10.79 -14.94 12.56
C PRO A 141 11.06 -16.32 11.97
N GLY A 142 11.97 -16.37 10.99
CA GLY A 142 12.36 -17.61 10.34
C GLY A 142 11.52 -18.00 9.15
N ILE A 143 10.48 -17.25 8.81
CA ILE A 143 9.86 -17.56 7.52
C ILE A 143 10.64 -16.84 6.42
N ASN A 144 10.48 -17.32 5.19
CA ASN A 144 11.22 -16.74 4.11
C ASN A 144 10.34 -15.81 3.32
N LEU A 145 10.87 -14.64 2.96
CA LEU A 145 10.14 -13.81 2.00
C LEU A 145 9.55 -14.51 0.81
N ARG A 146 10.28 -15.47 0.24
CA ARG A 146 9.82 -16.24 -0.92
C ARG A 146 8.50 -16.97 -0.77
N GLU A 147 8.31 -17.54 0.41
CA GLU A 147 7.05 -18.20 0.76
C GLU A 147 5.87 -17.23 0.65
N ILE A 148 6.05 -16.07 1.30
CA ILE A 148 4.99 -15.05 1.23
C ILE A 148 4.60 -14.72 -0.21
N GLY A 149 5.60 -14.48 -1.06
CA GLY A 149 5.35 -14.05 -2.42
C GLY A 149 4.63 -15.08 -3.24
N ALA A 150 5.16 -16.29 -3.26
CA ALA A 150 4.45 -17.44 -3.80
C ALA A 150 2.99 -17.58 -3.39
N ALA A 151 2.73 -17.59 -2.08
CA ALA A 151 1.36 -17.49 -1.56
C ALA A 151 0.43 -16.40 -2.06
N ILE A 152 0.91 -15.16 -2.18
CA ILE A 152 0.06 -14.07 -2.72
C ILE A 152 -0.38 -14.39 -4.15
N GLN A 153 0.59 -14.85 -4.95
CA GLN A 153 0.34 -15.17 -6.35
C GLN A 153 -0.74 -16.24 -6.61
N LYS A 154 -0.51 -17.40 -6.01
CA LYS A 154 -1.52 -18.49 -6.01
C LYS A 154 -2.93 -17.97 -5.63
N PHE A 155 -3.02 -17.35 -4.47
CA PHE A 155 -4.32 -16.85 -4.05
C PHE A 155 -4.93 -16.09 -5.22
N VAL A 156 -4.15 -15.13 -5.70
CA VAL A 156 -4.59 -14.11 -6.64
C VAL A 156 -4.94 -14.68 -8.03
N GLU A 157 -4.08 -15.59 -8.49
CA GLU A 157 -4.34 -16.31 -9.74
C GLU A 157 -5.57 -17.24 -9.73
N ALA A 158 -5.73 -17.99 -8.63
CA ALA A 158 -6.91 -18.81 -8.39
C ALA A 158 -8.24 -18.09 -8.59
N GLU A 159 -8.20 -16.75 -8.64
CA GLU A 159 -9.43 -16.00 -8.79
C GLU A 159 -9.49 -15.46 -10.19
N GLY A 160 -8.47 -15.81 -10.98
CA GLY A 160 -8.34 -15.37 -12.37
C GLY A 160 -7.83 -13.94 -12.53
N PHE A 161 -6.91 -13.56 -11.63
CA PHE A 161 -6.25 -12.24 -11.62
C PHE A 161 -4.70 -12.41 -11.66
N SER A 162 -3.99 -11.31 -11.92
CA SER A 162 -2.53 -11.40 -12.02
C SER A 162 -1.82 -10.46 -11.06
N VAL A 163 -0.60 -10.81 -10.69
CA VAL A 163 0.19 -9.92 -9.85
C VAL A 163 1.13 -9.11 -10.72
N VAL A 164 1.01 -7.80 -10.61
CA VAL A 164 1.99 -6.87 -11.18
C VAL A 164 3.38 -7.14 -10.62
N ARG A 165 4.33 -7.34 -11.55
CA ARG A 165 5.68 -7.75 -11.18
C ARG A 165 6.63 -6.54 -10.99
N GLU A 166 6.24 -5.39 -11.51
CA GLU A 166 7.21 -4.29 -11.65
C GLU A 166 7.43 -3.60 -10.33
N TYR A 167 6.43 -3.72 -9.47
CA TYR A 167 6.45 -3.13 -8.16
C TYR A 167 6.48 -4.18 -7.03
N CYS A 168 6.97 -3.77 -5.87
CA CYS A 168 7.11 -4.67 -4.76
C CYS A 168 7.06 -3.90 -3.43
N GLY A 169 6.67 -4.55 -2.33
CA GLY A 169 6.79 -3.88 -1.04
C GLY A 169 8.26 -3.73 -0.75
N HIS A 170 8.63 -3.20 0.42
CA HIS A 170 10.00 -2.73 0.61
C HIS A 170 10.20 -2.49 2.12
N GLY A 171 11.37 -2.85 2.61
CA GLY A 171 12.05 -2.08 3.63
C GLY A 171 11.62 -0.64 3.74
N ILE A 172 11.53 -0.15 4.97
CA ILE A 172 11.07 1.23 5.26
C ILE A 172 11.59 1.58 6.66
N GLY A 173 11.80 2.86 6.92
CA GLY A 173 12.51 3.23 8.13
C GLY A 173 12.81 4.69 7.97
N ARG A 174 14.03 5.09 8.33
CA ARG A 174 14.58 6.38 7.95
C ARG A 174 14.62 6.63 6.44
N GLY A 175 14.60 5.56 5.63
CA GLY A 175 14.28 5.64 4.19
C GLY A 175 12.93 5.15 3.69
N PHE A 176 12.31 5.89 2.79
CA PHE A 176 11.14 5.40 2.01
C PHE A 176 11.37 3.90 1.66
N HIS A 177 12.43 3.62 0.90
CA HIS A 177 12.69 2.29 0.34
C HIS A 177 14.04 1.76 0.81
N GLU A 178 14.05 0.60 1.47
CA GLU A 178 15.24 0.13 2.15
C GLU A 178 15.29 -1.34 1.75
N GLU A 179 16.35 -2.08 2.01
CA GLU A 179 16.19 -3.52 1.85
C GLU A 179 15.33 -4.04 3.02
N PRO A 180 14.57 -5.11 2.79
CA PRO A 180 14.54 -5.96 1.59
C PRO A 180 13.51 -5.54 0.58
N GLN A 181 13.64 -6.03 -0.64
CA GLN A 181 12.53 -6.05 -1.59
C GLN A 181 11.43 -7.04 -1.22
N VAL A 182 10.17 -6.64 -1.35
CA VAL A 182 9.11 -7.58 -0.98
C VAL A 182 8.31 -7.94 -2.21
N LEU A 183 8.82 -8.89 -2.99
CA LEU A 183 8.09 -9.32 -4.19
C LEU A 183 6.83 -10.09 -3.85
N HIS A 184 5.79 -9.89 -4.65
CA HIS A 184 4.48 -10.40 -4.35
C HIS A 184 4.24 -11.62 -5.24
N TYR A 185 5.35 -12.29 -5.55
CA TYR A 185 5.38 -13.52 -6.35
C TYR A 185 6.68 -14.29 -6.10
N ASP A 186 6.78 -15.43 -6.78
CA ASP A 186 7.88 -16.38 -6.52
C ASP A 186 9.16 -16.09 -7.32
N SER A 187 10.31 -16.18 -6.68
CA SER A 187 11.52 -15.93 -7.42
C SER A 187 12.69 -16.68 -6.77
N ARG A 188 13.46 -17.41 -7.58
CA ARG A 188 14.61 -18.14 -7.06
C ARG A 188 15.44 -17.05 -6.44
N GLU A 189 15.12 -15.84 -6.88
CA GLU A 189 15.94 -14.72 -6.53
C GLU A 189 15.77 -14.40 -5.06
N THR A 190 14.54 -14.56 -4.59
CA THR A 190 14.23 -14.20 -3.23
C THR A 190 14.65 -15.29 -2.30
N ASN A 191 15.44 -14.87 -1.32
CA ASN A 191 15.76 -15.72 -0.25
C ASN A 191 16.02 -14.76 0.86
N VAL A 192 14.96 -14.27 1.52
CA VAL A 192 15.14 -13.49 2.76
C VAL A 192 14.38 -14.11 3.90
N VAL A 193 15.08 -14.27 5.00
CA VAL A 193 14.64 -14.97 6.19
C VAL A 193 14.43 -13.90 7.26
N LEU A 194 13.17 -13.72 7.69
CA LEU A 194 12.77 -12.60 8.54
C LEU A 194 13.28 -12.69 9.98
N LYS A 195 13.55 -11.54 10.56
CA LYS A 195 14.02 -11.49 11.95
C LYS A 195 13.30 -10.41 12.77
N PRO A 196 13.06 -10.70 14.06
CA PRO A 196 12.52 -9.64 14.92
C PRO A 196 13.12 -8.28 14.59
N GLY A 197 12.35 -7.35 14.06
CA GLY A 197 12.87 -5.98 14.03
C GLY A 197 13.11 -5.36 12.67
N MET A 198 13.09 -6.15 11.61
CA MET A 198 12.80 -5.68 10.29
C MET A 198 11.46 -5.00 10.19
N THR A 199 11.41 -3.77 9.68
CA THR A 199 10.22 -3.14 9.16
C THR A 199 10.08 -3.22 7.62
N PHE A 200 8.90 -3.50 7.11
CA PHE A 200 8.79 -3.51 5.67
C PHE A 200 7.33 -3.41 5.26
N THR A 201 7.08 -3.27 3.95
CA THR A 201 5.71 -3.12 3.49
C THR A 201 5.19 -4.33 2.72
N ILE A 202 3.88 -4.49 2.70
CA ILE A 202 3.38 -5.51 1.78
C ILE A 202 2.34 -4.75 1.03
N GLU A 203 2.37 -4.86 -0.29
CA GLU A 203 1.53 -3.99 -1.06
C GLU A 203 1.25 -4.46 -2.49
N PRO A 204 0.65 -5.63 -2.59
CA PRO A 204 0.47 -6.31 -3.88
C PRO A 204 -0.39 -5.43 -4.78
N MET A 205 0.05 -5.20 -6.04
CA MET A 205 -0.87 -4.71 -7.10
C MET A 205 -1.48 -5.84 -7.91
N VAL A 206 -2.80 -5.81 -8.03
CA VAL A 206 -3.50 -6.96 -8.58
C VAL A 206 -4.37 -6.56 -9.78
N ASN A 207 -4.20 -7.18 -10.93
CA ASN A 207 -5.06 -6.77 -12.05
C ASN A 207 -6.18 -7.78 -12.30
N ALA A 208 -7.37 -7.27 -12.60
CA ALA A 208 -8.48 -8.18 -12.90
C ALA A 208 -8.13 -9.00 -14.14
N GLY A 209 -7.69 -8.34 -15.22
CA GLY A 209 -7.20 -9.02 -16.45
C GLY A 209 -5.78 -9.56 -16.43
N LYS A 210 -4.96 -9.13 -17.40
CA LYS A 210 -3.53 -9.53 -17.51
C LYS A 210 -2.45 -8.68 -16.78
N LYS A 211 -1.25 -9.23 -16.59
CA LYS A 211 -0.27 -8.69 -15.63
C LYS A 211 0.64 -7.60 -16.18
N GLU A 212 0.31 -7.18 -17.40
CA GLU A 212 1.17 -6.27 -18.13
C GLU A 212 0.66 -4.86 -17.99
N ILE A 213 1.63 -4.00 -17.69
CA ILE A 213 1.36 -2.61 -17.39
C ILE A 213 2.12 -1.74 -18.39
N ARG A 214 1.87 -0.44 -18.29
CA ARG A 214 2.19 0.47 -19.34
C ARG A 214 2.21 1.89 -18.75
N THR A 215 3.34 2.59 -18.81
CA THR A 215 3.39 3.98 -18.37
C THR A 215 2.94 5.00 -19.46
N MET A 216 2.20 6.01 -18.99
CA MET A 216 1.63 7.02 -19.86
C MET A 216 2.66 8.10 -20.29
N LYS A 217 2.25 8.92 -21.25
CA LYS A 217 3.05 10.04 -21.75
C LYS A 217 3.49 11.04 -20.67
N ASP A 218 2.87 10.99 -19.50
CA ASP A 218 3.20 11.95 -18.46
C ASP A 218 4.42 11.50 -17.63
N GLY A 219 4.99 10.35 -18.00
CA GLY A 219 6.09 9.82 -17.20
C GLY A 219 5.72 9.25 -15.84
N TRP A 220 4.45 9.24 -15.46
CA TRP A 220 4.00 8.92 -14.09
C TRP A 220 2.92 7.81 -14.06
N THR A 221 1.77 8.09 -14.66
CA THR A 221 0.62 7.20 -14.64
C THR A 221 0.89 5.84 -15.30
N VAL A 222 0.87 4.77 -14.49
CA VAL A 222 0.98 3.38 -14.91
C VAL A 222 -0.47 2.91 -15.11
N LYS A 223 -0.73 2.32 -16.28
CA LYS A 223 -2.00 1.64 -16.54
C LYS A 223 -1.85 0.15 -16.78
N THR A 224 -2.95 -0.58 -16.55
CA THR A 224 -3.13 -1.91 -17.16
C THR A 224 -2.89 -1.86 -18.69
N LYS A 225 -2.11 -2.80 -19.20
CA LYS A 225 -1.78 -2.87 -20.63
C LYS A 225 -3.02 -3.22 -21.42
N ASP A 226 -3.91 -4.01 -20.82
CA ASP A 226 -5.25 -4.32 -21.37
C ASP A 226 -6.41 -3.54 -20.77
N ARG A 227 -6.16 -2.39 -20.16
CA ARG A 227 -7.20 -1.60 -19.47
C ARG A 227 -8.07 -2.36 -18.45
N SER A 228 -7.68 -3.58 -18.06
CA SER A 228 -8.49 -4.23 -17.03
C SER A 228 -8.34 -3.41 -15.75
N LEU A 229 -9.21 -3.60 -14.76
CA LEU A 229 -9.07 -2.89 -13.49
C LEU A 229 -7.83 -3.38 -12.78
N SER A 230 -7.26 -2.52 -11.95
CA SER A 230 -6.15 -2.92 -11.07
C SER A 230 -6.36 -2.37 -9.67
N ALA A 231 -5.85 -3.07 -8.68
CA ALA A 231 -6.11 -2.63 -7.33
C ALA A 231 -4.97 -2.99 -6.37
N GLN A 232 -4.87 -2.21 -5.29
CA GLN A 232 -3.76 -2.29 -4.33
C GLN A 232 -4.18 -1.89 -2.91
N TYR A 233 -3.60 -2.58 -1.92
CA TYR A 233 -3.62 -2.20 -0.51
C TYR A 233 -2.23 -2.41 0.02
N GLU A 234 -1.90 -1.62 1.02
CA GLU A 234 -0.56 -1.69 1.53
C GLU A 234 -0.52 -1.51 3.03
N HIS A 235 0.37 -2.22 3.69
CA HIS A 235 0.57 -1.96 5.10
C HIS A 235 2.02 -1.92 5.45
N THR A 236 2.43 -1.20 6.49
CA THR A 236 3.80 -1.34 7.02
C THR A 236 3.80 -2.20 8.29
N ILE A 237 4.81 -3.05 8.51
CA ILE A 237 4.75 -3.94 9.66
C ILE A 237 6.11 -3.95 10.28
N VAL A 238 6.15 -4.31 11.55
CA VAL A 238 7.37 -4.79 12.19
C VAL A 238 7.26 -6.29 12.47
N VAL A 239 8.28 -7.05 12.10
CA VAL A 239 8.39 -8.42 12.57
C VAL A 239 8.58 -8.42 14.10
N THR A 240 7.87 -9.31 14.77
CA THR A 240 8.09 -9.46 16.20
C THR A 240 8.75 -10.78 16.51
N ASP A 241 9.01 -11.04 17.78
CA ASP A 241 9.51 -12.34 18.18
C ASP A 241 8.63 -13.54 17.89
N ASN A 242 7.35 -13.31 17.61
CA ASN A 242 6.43 -14.39 17.47
C ASN A 242 5.55 -14.19 16.25
N GLY A 243 5.78 -13.12 15.51
CA GLY A 243 4.87 -12.75 14.45
C GLY A 243 5.09 -11.36 13.89
N CYS A 244 4.01 -10.61 13.73
CA CYS A 244 4.17 -9.21 13.36
C CYS A 244 3.24 -8.26 14.11
N GLU A 245 3.61 -7.00 14.15
CA GLU A 245 2.65 -5.93 14.43
C GLU A 245 2.42 -5.01 13.22
N ILE A 246 1.16 -4.68 12.94
CA ILE A 246 0.86 -3.94 11.72
C ILE A 246 0.77 -2.49 12.16
N LEU A 247 1.51 -1.61 11.49
CA LEU A 247 1.84 -0.32 12.08
C LEU A 247 0.97 0.80 11.57
N THR A 248 0.22 0.52 10.48
CA THR A 248 -0.68 1.42 9.77
C THR A 248 -2.11 0.87 9.63
N LEU A 249 -2.59 0.19 10.66
CA LEU A 249 -3.94 -0.34 10.70
C LEU A 249 -4.98 0.78 10.86
N ARG A 250 -6.13 0.61 10.20
CA ARG A 250 -7.22 1.53 10.38
C ARG A 250 -8.40 0.84 11.04
N LYS A 251 -9.31 1.67 11.52
CA LYS A 251 -10.53 1.25 12.23
C LYS A 251 -11.33 0.36 11.30
N ASP A 252 -11.17 0.65 10.02
CA ASP A 252 -11.89 -0.18 9.05
C ASP A 252 -11.18 -1.50 8.68
N ASP A 253 -10.00 -1.73 9.24
CA ASP A 253 -9.29 -2.95 8.88
C ASP A 253 -9.92 -4.05 9.72
N THR A 254 -9.94 -5.28 9.20
CA THR A 254 -10.50 -6.47 9.87
C THR A 254 -9.50 -7.57 10.24
N ILE A 255 -8.24 -7.21 10.32
CA ILE A 255 -7.27 -8.17 10.81
C ILE A 255 -6.76 -7.51 12.11
N PRO A 256 -6.36 -8.31 13.11
CA PRO A 256 -5.76 -7.70 14.28
C PRO A 256 -4.49 -6.92 13.99
N ALA A 257 -4.17 -5.99 14.89
CA ALA A 257 -2.97 -5.14 14.83
C ALA A 257 -1.82 -6.02 15.19
N ILE A 258 -2.01 -6.81 16.23
CA ILE A 258 -0.95 -7.70 16.73
C ILE A 258 -1.25 -9.15 16.38
N ILE A 259 -0.22 -9.83 15.87
CA ILE A 259 -0.39 -11.13 15.22
C ILE A 259 0.62 -12.14 15.72
N SER A 260 0.11 -13.18 16.36
CA SER A 260 1.01 -14.05 17.11
C SER A 260 0.78 -15.51 16.81
N HIS A 261 1.88 -16.23 16.86
CA HIS A 261 1.97 -17.60 16.35
C HIS A 261 2.43 -18.51 17.45
N ASP A 262 2.82 -17.87 18.54
CA ASP A 262 3.05 -18.47 19.85
C ASP A 262 1.83 -19.10 20.57
N GLU A 263 2.16 -20.00 21.50
CA GLU A 263 1.18 -20.79 22.28
C GLU A 263 1.03 -20.21 23.68
#